data_9F8L
#
_entry.id   9F8L
#
_cell.length_a   82.995
_cell.length_b   69.369
_cell.length_c   69.182
_cell.angle_alpha   90.00
_cell.angle_beta   93.64
_cell.angle_gamma   90.00
#
_symmetry.space_group_name_H-M   'C 1 2 1'
#
loop_
_entity.id
_entity.type
_entity.pdbx_description
1 polymer 'Phenazine biosynthesis protein A/B'
2 non-polymer '2-(N-MORPHOLINO)-ETHANESULFONIC ACID'
3 non-polymer (3-hydroxyphenyl)-[2-(4-hydroxyphenyl)-6-oxidanyl-1-benzothiophen-3-yl]methanone
4 non-polymer GLYCEROL
5 water water
#
_entity_poly.entity_id   1
_entity_poly.type   'polypeptide(L)'
_entity_poly.pdbx_seq_one_letter_code
;MGSSHHHHHHSSGLVPRGSHMSDVESLENTSENRAQVAARQHNRKIVEQYMHTRGEARLKRHLLFTEDGVGGLWTTDSGQ
PIAIRGREKLGEHAVWSLQCFPDWVWTDIQIFETQDPNWFWVECRGEGAIVFPGYPRGQYRNHFLHSFRFENGLIKEQRE
FMNPCEQFRSLGIEVPEVRRDGLPS
;
_entity_poly.pdbx_strand_id   A,B
#
# COMPACT_ATOMS: atom_id res chain seq x y z
N THR A 30 -17.03 -37.18 -3.10
CA THR A 30 -18.41 -37.08 -3.52
C THR A 30 -18.61 -35.88 -4.45
N SER A 31 -19.74 -35.87 -5.18
CA SER A 31 -20.06 -34.73 -6.04
C SER A 31 -20.23 -33.46 -5.21
N GLU A 32 -20.75 -33.58 -3.99
CA GLU A 32 -20.90 -32.42 -3.13
C GLU A 32 -19.54 -31.83 -2.79
N ASN A 33 -18.58 -32.69 -2.40
CA ASN A 33 -17.25 -32.20 -2.03
C ASN A 33 -16.56 -31.54 -3.21
N ARG A 34 -16.73 -32.09 -4.41
CA ARG A 34 -16.17 -31.46 -5.61
C ARG A 34 -16.74 -30.06 -5.79
N ALA A 35 -18.06 -29.92 -5.63
CA ALA A 35 -18.69 -28.62 -5.81
C ALA A 35 -18.24 -27.63 -4.74
N GLN A 36 -18.09 -28.11 -3.50
CA GLN A 36 -17.63 -27.22 -2.44
C GLN A 36 -16.17 -26.82 -2.64
N VAL A 37 -15.33 -27.77 -3.04
CA VAL A 37 -13.93 -27.45 -3.28
C VAL A 37 -13.80 -26.42 -4.39
N ALA A 38 -14.55 -26.60 -5.49
CA ALA A 38 -14.50 -25.67 -6.62
C ALA A 38 -14.95 -24.28 -6.20
N ALA A 39 -16.06 -24.20 -5.46
CA ALA A 39 -16.54 -22.90 -5.01
C ALA A 39 -15.50 -22.20 -4.14
N ARG A 40 -14.88 -22.92 -3.22
CA ARG A 40 -13.91 -22.28 -2.34
C ARG A 40 -12.71 -21.73 -3.09
N GLN A 41 -12.21 -22.48 -4.07
CA GLN A 41 -11.04 -22.02 -4.84
C GLN A 41 -11.36 -20.77 -5.65
N HIS A 42 -12.53 -20.75 -6.30
CA HIS A 42 -12.90 -19.55 -7.04
C HIS A 42 -13.11 -18.37 -6.11
N ASN A 43 -13.82 -18.59 -5.00
CA ASN A 43 -14.13 -17.51 -4.08
C ASN A 43 -12.87 -16.91 -3.48
N ARG A 44 -11.88 -17.75 -3.18
CA ARG A 44 -10.61 -17.23 -2.66
C ARG A 44 -9.97 -16.25 -3.64
N LYS A 45 -10.02 -16.54 -4.95
CA LYS A 45 -9.47 -15.61 -5.93
C LYS A 45 -10.19 -14.27 -5.92
N ILE A 46 -11.51 -14.28 -5.75
CA ILE A 46 -12.27 -13.03 -5.63
C ILE A 46 -11.84 -12.24 -4.38
N VAL A 47 -11.67 -12.91 -3.24
CA VAL A 47 -11.23 -12.20 -2.02
C VAL A 47 -9.87 -11.57 -2.24
N GLU A 48 -8.95 -12.34 -2.85
CA GLU A 48 -7.63 -11.80 -3.15
C GLU A 48 -7.74 -10.58 -4.04
N GLN A 49 -8.56 -10.65 -5.10
CA GLN A 49 -8.70 -9.52 -5.99
C GLN A 49 -9.26 -8.31 -5.25
N TYR A 50 -10.30 -8.51 -4.44
CA TYR A 50 -10.88 -7.40 -3.67
C TYR A 50 -9.81 -6.73 -2.82
N MET A 51 -9.05 -7.53 -2.05
CA MET A 51 -8.10 -6.98 -1.11
C MET A 51 -6.96 -6.25 -1.79
N HIS A 52 -6.64 -6.60 -3.03
N HIS A 52 -6.63 -6.61 -3.03
CA HIS A 52 -5.56 -5.93 -3.75
CA HIS A 52 -5.56 -5.95 -3.76
C HIS A 52 -6.04 -4.84 -4.70
C HIS A 52 -6.04 -4.78 -4.62
N THR A 53 -7.34 -4.53 -4.68
CA THR A 53 -7.86 -3.47 -5.55
C THR A 53 -7.52 -2.12 -4.96
N ARG A 54 -6.85 -1.29 -5.76
CA ARG A 54 -6.37 0.00 -5.31
C ARG A 54 -6.51 1.00 -6.43
N GLY A 55 -6.43 2.27 -6.05
CA GLY A 55 -6.42 3.32 -7.06
C GLY A 55 -7.72 3.35 -7.85
N GLU A 56 -7.59 3.68 -9.13
CA GLU A 56 -8.77 3.86 -9.96
C GLU A 56 -9.55 2.57 -10.12
N ALA A 57 -8.90 1.42 -9.97
CA ALA A 57 -9.59 0.15 -10.05
C ALA A 57 -10.68 0.00 -8.98
N ARG A 58 -10.60 0.77 -7.90
CA ARG A 58 -11.67 0.75 -6.91
C ARG A 58 -13.01 1.13 -7.52
N LEU A 59 -13.02 1.91 -8.61
CA LEU A 59 -14.28 2.29 -9.22
C LEU A 59 -15.03 1.12 -9.85
N LYS A 60 -14.35 -0.03 -10.03
CA LYS A 60 -14.98 -1.22 -10.61
C LYS A 60 -15.05 -2.38 -9.62
N ARG A 61 -14.69 -2.15 -8.36
CA ARG A 61 -14.69 -3.24 -7.39
C ARG A 61 -16.08 -3.76 -7.12
N HIS A 62 -17.10 -2.94 -7.35
CA HIS A 62 -18.48 -3.39 -7.13
C HIS A 62 -18.87 -4.52 -8.09
N LEU A 63 -18.13 -4.70 -9.19
CA LEU A 63 -18.44 -5.80 -10.09
C LEU A 63 -18.06 -7.15 -9.50
N LEU A 64 -17.42 -7.18 -8.33
CA LEU A 64 -17.16 -8.42 -7.63
C LEU A 64 -18.33 -8.87 -6.75
N PHE A 65 -19.41 -8.09 -6.73
CA PHE A 65 -20.60 -8.36 -5.93
C PHE A 65 -21.76 -8.85 -6.77
N THR A 66 -22.66 -9.59 -6.13
CA THR A 66 -23.96 -9.88 -6.73
C THR A 66 -24.75 -8.58 -6.88
N GLU A 67 -25.82 -8.62 -7.69
CA GLU A 67 -26.58 -7.41 -7.94
C GLU A 67 -27.16 -6.84 -6.65
N ASP A 68 -27.56 -7.71 -5.72
CA ASP A 68 -28.12 -7.32 -4.44
C ASP A 68 -27.07 -7.39 -3.31
N GLY A 69 -25.80 -7.40 -3.68
CA GLY A 69 -24.73 -7.53 -2.69
C GLY A 69 -24.66 -6.32 -1.79
N VAL A 70 -24.16 -6.55 -0.57
CA VAL A 70 -24.04 -5.55 0.48
C VAL A 70 -22.58 -5.48 0.91
N GLY A 71 -22.10 -4.25 1.16
CA GLY A 71 -20.79 -4.05 1.74
C GLY A 71 -20.86 -2.93 2.77
N GLY A 72 -19.81 -2.77 3.55
CA GLY A 72 -19.74 -1.59 4.38
C GLY A 72 -19.04 -1.86 5.70
N LEU A 73 -19.27 -0.93 6.62
CA LEU A 73 -18.51 -0.79 7.85
C LEU A 73 -19.40 -1.16 9.03
N TRP A 74 -19.03 -2.21 9.77
CA TRP A 74 -19.91 -2.72 10.80
C TRP A 74 -19.61 -2.13 12.17
N THR A 75 -18.53 -1.39 12.33
CA THR A 75 -18.09 -0.86 13.61
C THR A 75 -17.98 0.64 13.48
N THR A 76 -18.92 1.37 14.08
CA THR A 76 -18.93 2.83 14.02
C THR A 76 -19.23 3.40 15.40
N ASP A 77 -19.16 4.73 15.50
CA ASP A 77 -19.39 5.38 16.79
C ASP A 77 -20.80 5.16 17.29
N SER A 78 -21.79 5.02 16.39
CA SER A 78 -23.16 4.90 16.82
C SER A 78 -23.52 3.50 17.28
N GLY A 79 -22.73 2.50 16.91
CA GLY A 79 -23.09 1.12 17.18
C GLY A 79 -23.93 0.44 16.13
N GLN A 80 -24.33 1.16 15.05
CA GLN A 80 -25.05 0.56 13.94
C GLN A 80 -24.14 0.46 12.71
N PRO A 81 -24.26 -0.61 11.91
CA PRO A 81 -23.46 -0.67 10.68
C PRO A 81 -23.86 0.39 9.67
N ILE A 82 -22.89 0.75 8.85
CA ILE A 82 -23.13 1.58 7.67
C ILE A 82 -23.04 0.63 6.49
N ALA A 83 -24.20 0.15 6.06
CA ALA A 83 -24.32 -0.85 5.01
C ALA A 83 -24.71 -0.17 3.70
N ILE A 84 -23.98 -0.50 2.66
CA ILE A 84 -24.23 -0.01 1.32
C ILE A 84 -24.87 -1.15 0.56
N ARG A 85 -26.11 -0.96 0.11
CA ARG A 85 -26.97 -2.06 -0.31
C ARG A 85 -27.17 -2.02 -1.82
N GLY A 86 -26.63 -3.03 -2.49
CA GLY A 86 -26.84 -3.16 -3.92
C GLY A 86 -25.57 -2.84 -4.67
N ARG A 87 -25.31 -3.63 -5.71
CA ARG A 87 -24.12 -3.43 -6.52
C ARG A 87 -24.06 -2.01 -7.07
N GLU A 88 -25.20 -1.47 -7.51
CA GLU A 88 -25.21 -0.12 -8.05
C GLU A 88 -24.81 0.92 -7.01
N LYS A 89 -25.38 0.82 -5.80
CA LYS A 89 -25.03 1.75 -4.74
C LYS A 89 -23.57 1.56 -4.29
N LEU A 90 -23.05 0.34 -4.34
CA LEU A 90 -21.63 0.14 -4.06
C LEU A 90 -20.76 0.89 -5.06
N GLY A 91 -21.11 0.84 -6.35
CA GLY A 91 -20.32 1.55 -7.34
C GLY A 91 -20.39 3.05 -7.14
N GLU A 92 -21.57 3.55 -6.75
CA GLU A 92 -21.70 4.97 -6.46
C GLU A 92 -20.87 5.37 -5.25
N HIS A 93 -20.87 4.53 -4.23
CA HIS A 93 -20.09 4.81 -3.01
CA HIS A 93 -20.11 4.89 -3.04
C HIS A 93 -18.60 4.86 -3.28
N ALA A 94 -18.13 4.05 -4.23
CA ALA A 94 -16.70 4.06 -4.54
C ALA A 94 -16.25 5.42 -5.07
N VAL A 95 -17.13 6.12 -5.76
CA VAL A 95 -16.78 7.46 -6.21
C VAL A 95 -16.47 8.35 -5.01
N TRP A 96 -17.29 8.28 -3.97
CA TRP A 96 -17.04 9.01 -2.74
C TRP A 96 -15.75 8.54 -2.07
N SER A 97 -15.59 7.22 -1.92
CA SER A 97 -14.45 6.76 -1.14
C SER A 97 -13.14 7.05 -1.84
N LEU A 98 -13.14 7.11 -3.17
N LEU A 98 -13.14 7.12 -3.17
CA LEU A 98 -11.93 7.51 -3.89
CA LEU A 98 -11.92 7.51 -3.87
C LEU A 98 -11.54 8.96 -3.63
C LEU A 98 -11.52 8.94 -3.54
N GLN A 99 -12.49 9.81 -3.24
CA GLN A 99 -12.16 11.18 -2.87
C GLN A 99 -11.70 11.28 -1.42
N CYS A 100 -12.42 10.62 -0.51
N CYS A 100 -12.39 10.61 -0.51
CA CYS A 100 -12.17 10.70 0.93
CA CYS A 100 -12.11 10.78 0.91
C CYS A 100 -10.98 9.86 1.38
C CYS A 100 -11.06 9.80 1.44
N PHE A 101 -10.74 8.73 0.72
CA PHE A 101 -9.62 7.84 1.04
C PHE A 101 -8.82 7.67 -0.25
N PRO A 102 -8.14 8.72 -0.72
CA PRO A 102 -7.66 8.75 -2.11
C PRO A 102 -6.55 7.77 -2.41
N ASP A 103 -5.82 7.28 -1.42
CA ASP A 103 -4.66 6.40 -1.64
C ASP A 103 -4.72 5.16 -0.77
N TRP A 104 -5.92 4.70 -0.39
CA TRP A 104 -6.06 3.59 0.56
C TRP A 104 -5.41 2.31 0.05
N VAL A 105 -4.69 1.64 0.95
CA VAL A 105 -4.09 0.34 0.69
C VAL A 105 -4.41 -0.60 1.84
N TRP A 106 -4.75 -1.84 1.50
CA TRP A 106 -4.79 -2.93 2.49
C TRP A 106 -3.45 -3.64 2.48
N THR A 107 -2.88 -3.87 3.67
CA THR A 107 -1.58 -4.49 3.83
C THR A 107 -1.68 -5.68 4.77
N ASP A 108 -0.62 -6.50 4.84
CA ASP A 108 -0.53 -7.59 5.83
C ASP A 108 -1.74 -8.52 5.72
N ILE A 109 -2.10 -8.84 4.48
CA ILE A 109 -3.35 -9.53 4.22
C ILE A 109 -3.18 -11.01 4.52
N GLN A 110 -4.06 -11.54 5.38
N GLN A 110 -4.05 -11.55 5.38
CA GLN A 110 -4.14 -12.97 5.67
CA GLN A 110 -4.10 -12.99 5.64
C GLN A 110 -5.56 -13.44 5.39
C GLN A 110 -5.53 -13.46 5.41
N ILE A 111 -5.71 -14.32 4.41
CA ILE A 111 -7.03 -14.80 4.01
C ILE A 111 -7.27 -16.15 4.65
N PHE A 112 -8.43 -16.29 5.28
CA PHE A 112 -8.85 -17.52 5.94
C PHE A 112 -10.06 -18.10 5.22
N GLU A 113 -9.86 -19.27 4.58
CA GLU A 113 -10.98 -20.09 4.17
C GLU A 113 -11.64 -20.68 5.40
N THR A 114 -12.86 -21.17 5.25
CA THR A 114 -13.56 -21.78 6.38
C THR A 114 -14.21 -23.08 5.91
N GLN A 115 -14.91 -23.76 6.82
CA GLN A 115 -15.63 -24.96 6.43
C GLN A 115 -16.76 -24.67 5.47
N ASP A 116 -17.23 -23.42 5.41
CA ASP A 116 -18.25 -23.00 4.46
C ASP A 116 -17.49 -22.49 3.24
N PRO A 117 -17.59 -23.16 2.09
CA PRO A 117 -16.84 -22.69 0.91
C PRO A 117 -17.21 -21.30 0.47
N ASN A 118 -18.36 -20.78 0.92
CA ASN A 118 -18.82 -19.45 0.57
C ASN A 118 -18.61 -18.43 1.67
N TRP A 119 -17.78 -18.72 2.67
CA TRP A 119 -17.52 -17.78 3.75
C TRP A 119 -16.03 -17.71 4.03
N PHE A 120 -15.47 -16.49 3.95
CA PHE A 120 -14.06 -16.24 4.19
C PHE A 120 -13.94 -15.12 5.21
N TRP A 121 -12.82 -15.13 5.92
CA TRP A 121 -12.44 -14.03 6.79
C TRP A 121 -11.05 -13.55 6.39
N VAL A 122 -10.79 -12.27 6.56
CA VAL A 122 -9.49 -11.68 6.25
C VAL A 122 -9.05 -10.87 7.46
N GLU A 123 -7.83 -11.06 7.90
CA GLU A 123 -7.17 -10.18 8.84
C GLU A 123 -6.14 -9.36 8.08
N CYS A 124 -6.14 -8.05 8.28
CA CYS A 124 -5.21 -7.20 7.56
C CYS A 124 -5.04 -5.89 8.31
N ARG A 125 -4.19 -5.05 7.75
CA ARG A 125 -4.14 -3.64 8.13
C ARG A 125 -4.53 -2.79 6.94
N GLY A 126 -4.83 -1.52 7.18
CA GLY A 126 -5.11 -0.57 6.12
C GLY A 126 -4.47 0.75 6.45
N GLU A 127 -4.19 1.51 5.39
CA GLU A 127 -3.56 2.80 5.59
C GLU A 127 -3.84 3.72 4.43
N GLY A 128 -3.89 5.02 4.74
CA GLY A 128 -4.02 6.02 3.70
C GLY A 128 -4.43 7.36 4.29
N ALA A 129 -4.36 8.38 3.44
CA ALA A 129 -4.89 9.68 3.81
C ALA A 129 -6.40 9.58 4.07
N ILE A 130 -6.87 10.37 5.03
CA ILE A 130 -8.30 10.49 5.28
C ILE A 130 -8.65 11.95 5.06
N VAL A 131 -9.60 12.18 4.15
CA VAL A 131 -10.00 13.52 3.73
C VAL A 131 -11.51 13.60 3.92
N PHE A 132 -11.93 13.63 5.14
CA PHE A 132 -13.33 13.52 5.51
C PHE A 132 -13.95 14.91 5.53
N PRO A 133 -15.17 15.04 5.06
CA PRO A 133 -15.80 16.38 5.00
C PRO A 133 -15.81 17.10 6.34
N GLY A 134 -15.24 18.30 6.37
CA GLY A 134 -15.27 19.14 7.56
C GLY A 134 -14.24 18.82 8.61
N TYR A 135 -13.29 17.92 8.33
CA TYR A 135 -12.22 17.61 9.26
C TYR A 135 -10.89 17.92 8.62
N PRO A 136 -9.85 18.17 9.41
CA PRO A 136 -8.52 18.35 8.83
C PRO A 136 -8.09 17.09 8.11
N ARG A 137 -7.38 17.25 7.00
N ARG A 137 -7.38 17.26 7.00
CA ARG A 137 -6.76 16.12 6.34
CA ARG A 137 -6.75 16.12 6.33
C ARG A 137 -5.85 15.41 7.33
C ARG A 137 -5.81 15.41 7.31
N GLY A 138 -5.89 14.09 7.34
CA GLY A 138 -5.10 13.30 8.25
C GLY A 138 -4.55 12.06 7.56
N GLN A 139 -3.86 11.26 8.37
N GLN A 139 -3.84 11.27 8.36
CA GLN A 139 -3.34 9.96 7.95
CA GLN A 139 -3.36 9.97 7.95
C GLN A 139 -3.94 8.91 8.87
C GLN A 139 -3.99 8.94 8.88
N TYR A 140 -4.61 7.93 8.28
CA TYR A 140 -5.33 6.91 9.00
C TYR A 140 -4.65 5.55 8.81
N ARG A 141 -4.37 4.90 9.92
CA ARG A 141 -3.85 3.53 9.95
C ARG A 141 -4.70 2.72 10.91
N ASN A 142 -5.05 1.49 10.53
CA ASN A 142 -5.82 0.67 11.47
C ASN A 142 -5.66 -0.80 11.13
N HIS A 143 -6.05 -1.62 12.10
CA HIS A 143 -6.19 -3.06 11.92
C HIS A 143 -7.64 -3.37 11.56
N PHE A 144 -7.84 -4.33 10.66
CA PHE A 144 -9.17 -4.65 10.20
C PHE A 144 -9.38 -6.15 10.14
N LEU A 145 -10.63 -6.53 10.35
CA LEU A 145 -11.12 -7.86 9.99
C LEU A 145 -12.22 -7.70 8.97
N HIS A 146 -12.20 -8.51 7.92
CA HIS A 146 -13.27 -8.52 6.94
C HIS A 146 -13.95 -9.88 6.92
N SER A 147 -15.26 -9.89 6.71
CA SER A 147 -16.05 -11.08 6.42
C SER A 147 -16.56 -10.99 4.98
N PHE A 148 -16.42 -12.10 4.23
CA PHE A 148 -16.88 -12.18 2.84
C PHE A 148 -17.77 -13.41 2.70
N ARG A 149 -19.03 -13.21 2.36
CA ARG A 149 -19.94 -14.30 2.06
C ARG A 149 -20.31 -14.23 0.58
N PHE A 150 -20.33 -15.39 -0.07
CA PHE A 150 -20.47 -15.53 -1.50
C PHE A 150 -21.80 -16.17 -1.89
N GLU A 151 -22.26 -15.84 -3.09
CA GLU A 151 -23.36 -16.53 -3.74
C GLU A 151 -23.07 -16.58 -5.24
N ASN A 152 -23.06 -17.77 -5.80
CA ASN A 152 -22.88 -17.96 -7.23
C ASN A 152 -21.68 -17.19 -7.77
N GLY A 153 -20.56 -17.31 -7.07
CA GLY A 153 -19.29 -16.86 -7.59
C GLY A 153 -18.94 -15.42 -7.33
N LEU A 154 -19.82 -14.67 -6.66
CA LEU A 154 -19.60 -13.25 -6.37
C LEU A 154 -19.95 -12.96 -4.92
N ILE A 155 -19.52 -11.78 -4.46
CA ILE A 155 -19.70 -11.39 -3.06
C ILE A 155 -21.15 -10.99 -2.84
N LYS A 156 -21.82 -11.68 -1.92
CA LYS A 156 -23.15 -11.32 -1.45
C LYS A 156 -23.10 -10.37 -0.26
N GLU A 157 -22.11 -10.53 0.63
CA GLU A 157 -22.00 -9.65 1.79
C GLU A 157 -20.55 -9.50 2.18
N GLN A 158 -20.09 -8.25 2.20
CA GLN A 158 -18.78 -7.89 2.75
C GLN A 158 -19.02 -7.03 3.98
N ARG A 159 -18.30 -7.32 5.07
CA ARG A 159 -18.41 -6.54 6.29
C ARG A 159 -17.01 -6.28 6.81
N GLU A 160 -16.79 -5.05 7.29
N GLU A 160 -16.70 -5.03 7.15
CA GLU A 160 -15.50 -4.62 7.79
CA GLU A 160 -15.44 -4.76 7.83
C GLU A 160 -15.58 -4.17 9.25
C GLU A 160 -15.67 -4.39 9.28
N PHE A 161 -14.68 -4.72 10.08
CA PHE A 161 -14.68 -4.50 11.52
C PHE A 161 -13.34 -3.90 11.93
N MET A 162 -13.39 -2.81 12.70
CA MET A 162 -12.18 -2.15 13.14
C MET A 162 -12.47 -1.50 14.50
N ASN A 163 -11.44 -0.92 15.09
CA ASN A 163 -11.58 -0.14 16.31
C ASN A 163 -11.79 1.32 15.91
N PRO A 164 -12.98 1.90 16.11
CA PRO A 164 -13.19 3.28 15.65
C PRO A 164 -12.30 4.28 16.35
N CYS A 165 -11.77 3.97 17.52
CA CYS A 165 -10.92 4.93 18.22
C CYS A 165 -9.76 5.38 17.35
N GLU A 166 -9.20 4.50 16.51
CA GLU A 166 -8.10 4.92 15.67
C GLU A 166 -8.57 5.87 14.56
N GLN A 167 -9.79 5.69 14.07
CA GLN A 167 -10.33 6.63 13.09
C GLN A 167 -10.59 7.98 13.75
N PHE A 168 -11.11 7.97 14.99
CA PHE A 168 -11.23 9.23 15.73
C PHE A 168 -9.90 9.96 15.77
N ARG A 169 -8.83 9.26 16.17
CA ARG A 169 -7.51 9.89 16.26
C ARG A 169 -7.10 10.50 14.92
N SER A 170 -7.38 9.79 13.83
CA SER A 170 -6.97 10.29 12.52
C SER A 170 -7.70 11.54 12.12
N LEU A 171 -8.89 11.76 12.69
CA LEU A 171 -9.72 12.93 12.45
C LEU A 171 -9.50 14.05 13.47
N GLY A 172 -8.61 13.84 14.44
CA GLY A 172 -8.40 14.81 15.48
C GLY A 172 -9.47 14.85 16.55
N ILE A 173 -10.31 13.83 16.62
CA ILE A 173 -11.38 13.73 17.61
C ILE A 173 -10.79 13.10 18.87
N GLU A 174 -11.07 13.73 20.01
CA GLU A 174 -10.60 13.22 21.29
C GLU A 174 -11.25 11.88 21.61
N VAL A 175 -10.43 10.92 22.02
CA VAL A 175 -10.90 9.58 22.38
C VAL A 175 -11.01 9.52 23.90
N PRO A 176 -12.14 9.11 24.47
CA PRO A 176 -12.21 9.01 25.93
C PRO A 176 -11.33 7.87 26.40
N GLU A 177 -10.92 7.98 27.65
CA GLU A 177 -10.00 7.05 28.25
C GLU A 177 -10.74 6.40 29.41
N VAL A 178 -10.86 5.09 29.37
CA VAL A 178 -11.35 4.35 30.51
C VAL A 178 -10.32 4.45 31.63
N ARG A 179 -10.75 4.88 32.82
CA ARG A 179 -9.83 5.03 33.94
C ARG A 179 -9.37 3.67 34.40
N ARG A 180 -8.06 3.49 34.51
CA ARG A 180 -7.50 2.18 34.82
C ARG A 180 -6.94 2.08 36.23
N ASP A 181 -7.12 3.11 37.05
CA ASP A 181 -6.50 3.09 38.38
C ASP A 181 -6.91 1.86 39.18
N GLY A 182 -8.16 1.45 39.07
CA GLY A 182 -8.66 0.38 39.88
C GLY A 182 -8.43 -1.01 39.33
N LEU A 183 -7.73 -1.12 38.19
CA LEU A 183 -7.58 -2.38 37.49
C LEU A 183 -6.26 -3.03 37.86
N PRO A 184 -6.19 -4.36 37.81
CA PRO A 184 -4.91 -5.03 37.97
C PRO A 184 -3.89 -4.53 36.96
N SER A 185 -2.65 -4.40 37.41
CA SER A 185 -1.52 -4.10 36.55
C SER A 185 -1.39 -5.15 35.46
N THR B 30 19.36 33.43 12.75
CA THR B 30 20.53 33.22 11.92
C THR B 30 20.10 33.06 10.46
N SER B 31 20.75 33.82 9.57
CA SER B 31 20.44 33.68 8.15
C SER B 31 20.73 32.28 7.65
N GLU B 32 21.88 31.72 8.04
CA GLU B 32 22.22 30.37 7.60
C GLU B 32 21.18 29.37 8.09
N ASN B 33 20.77 29.48 9.35
CA ASN B 33 19.80 28.53 9.89
C ASN B 33 18.45 28.67 9.18
N ARG B 34 18.05 29.91 8.87
CA ARG B 34 16.79 30.09 8.16
C ARG B 34 16.84 29.42 6.80
N ALA B 35 17.99 29.50 6.11
CA ALA B 35 18.11 28.86 4.80
C ALA B 35 18.09 27.35 4.91
N GLN B 36 18.73 26.80 5.95
CA GLN B 36 18.68 25.35 6.15
C GLN B 36 17.26 24.89 6.49
N VAL B 37 16.58 25.60 7.37
CA VAL B 37 15.22 25.23 7.75
C VAL B 37 14.31 25.26 6.54
N ALA B 38 14.39 26.32 5.72
CA ALA B 38 13.56 26.42 4.51
C ALA B 38 13.84 25.28 3.55
N ALA B 39 15.12 24.96 3.34
CA ALA B 39 15.46 23.86 2.46
C ALA B 39 14.88 22.54 2.95
N ARG B 40 15.02 22.27 4.25
CA ARG B 40 14.50 21.02 4.79
C ARG B 40 12.99 20.89 4.63
N GLN B 41 12.25 21.97 4.89
CA GLN B 41 10.79 21.89 4.79
C GLN B 41 10.34 21.65 3.35
N HIS B 42 10.98 22.33 2.39
CA HIS B 42 10.64 22.10 0.99
C HIS B 42 11.02 20.69 0.56
N ASN B 43 12.23 20.26 0.91
CA ASN B 43 12.69 18.95 0.47
C ASN B 43 11.80 17.84 1.05
N ARG B 44 11.36 18.00 2.30
CA ARG B 44 10.46 17.00 2.87
C ARG B 44 9.19 16.84 2.04
N LYS B 45 8.66 17.95 1.50
CA LYS B 45 7.46 17.84 0.68
C LYS B 45 7.75 17.07 -0.60
N ILE B 46 8.96 17.23 -1.17
CA ILE B 46 9.32 16.47 -2.36
C ILE B 46 9.44 14.98 -2.03
N VAL B 47 10.05 14.64 -0.89
CA VAL B 47 10.12 13.21 -0.51
C VAL B 47 8.73 12.63 -0.36
N GLU B 48 7.84 13.35 0.35
CA GLU B 48 6.46 12.93 0.46
C GLU B 48 5.83 12.71 -0.91
N GLN B 49 6.01 13.65 -1.83
N GLN B 49 6.00 13.67 -1.81
CA GLN B 49 5.40 13.48 -3.13
CA GLN B 49 5.43 13.53 -3.15
C GLN B 49 5.96 12.28 -3.85
C GLN B 49 5.97 12.28 -3.84
N TYR B 50 7.28 12.09 -3.80
CA TYR B 50 7.87 10.92 -4.44
C TYR B 50 7.27 9.65 -3.90
N MET B 51 7.21 9.51 -2.57
CA MET B 51 6.77 8.26 -1.97
C MET B 51 5.31 7.97 -2.24
N HIS B 52 4.51 9.00 -2.51
CA HIS B 52 3.09 8.85 -2.77
C HIS B 52 2.72 8.87 -4.24
N THR B 53 3.71 8.85 -5.13
CA THR B 53 3.42 8.89 -6.57
C THR B 53 3.06 7.48 -7.03
N ARG B 54 1.86 7.34 -7.59
CA ARG B 54 1.32 6.04 -7.94
C ARG B 54 0.66 6.11 -9.31
N GLY B 55 0.48 4.94 -9.90
CA GLY B 55 -0.26 4.86 -11.16
C GLY B 55 0.43 5.62 -12.26
N GLU B 56 -0.38 6.24 -13.12
CA GLU B 56 0.15 6.96 -14.27
C GLU B 56 1.00 8.15 -13.87
N ALA B 57 0.81 8.68 -12.65
CA ALA B 57 1.66 9.76 -12.19
C ALA B 57 3.12 9.35 -12.11
N ARG B 58 3.41 8.05 -12.02
CA ARG B 58 4.80 7.61 -12.05
C ARG B 58 5.52 8.04 -13.32
N LEU B 59 4.78 8.25 -14.42
CA LEU B 59 5.42 8.70 -15.66
C LEU B 59 5.97 10.11 -15.56
N LYS B 60 5.60 10.87 -14.52
CA LYS B 60 6.11 12.23 -14.33
C LYS B 60 6.98 12.38 -13.08
N ARG B 61 7.27 11.30 -12.37
CA ARG B 61 8.03 11.40 -11.13
C ARG B 61 9.45 11.90 -11.38
N HIS B 62 9.98 11.71 -12.59
CA HIS B 62 11.31 12.18 -12.89
C HIS B 62 11.42 13.69 -12.82
N LEU B 63 10.30 14.43 -12.88
CA LEU B 63 10.34 15.88 -12.77
C LEU B 63 10.65 16.33 -11.36
N LEU B 64 10.72 15.40 -10.39
CA LEU B 64 11.18 15.70 -9.05
C LEU B 64 12.69 15.71 -8.92
N PHE B 65 13.42 15.40 -10.00
CA PHE B 65 14.87 15.31 -10.04
C PHE B 65 15.50 16.50 -10.74
N THR B 66 16.77 16.76 -10.38
CA THR B 66 17.59 17.67 -11.17
C THR B 66 17.86 17.05 -12.54
N GLU B 67 18.29 17.88 -13.48
CA GLU B 67 18.51 17.39 -14.84
C GLU B 67 19.50 16.23 -14.87
N ASP B 68 20.53 16.28 -14.01
CA ASP B 68 21.54 15.25 -13.90
C ASP B 68 21.28 14.30 -12.73
N GLY B 69 20.06 14.29 -12.22
CA GLY B 69 19.76 13.47 -11.06
C GLY B 69 19.85 12.00 -11.38
N VAL B 70 20.13 11.20 -10.35
CA VAL B 70 20.32 9.77 -10.44
C VAL B 70 19.33 9.09 -9.49
N GLY B 71 18.77 7.96 -9.95
CA GLY B 71 17.92 7.13 -9.12
C GLY B 71 18.24 5.66 -9.37
N GLY B 72 17.76 4.79 -8.51
CA GLY B 72 17.84 3.37 -8.82
C GLY B 72 18.02 2.50 -7.60
N LEU B 73 18.47 1.28 -7.89
CA LEU B 73 18.45 0.17 -6.94
C LEU B 73 19.89 -0.18 -6.57
N TRP B 74 20.23 -0.02 -5.30
CA TRP B 74 21.61 -0.17 -4.85
C TRP B 74 21.94 -1.59 -4.39
N THR B 75 20.95 -2.45 -4.25
CA THR B 75 21.12 -3.81 -3.72
C THR B 75 20.61 -4.79 -4.77
N THR B 76 21.53 -5.50 -5.43
CA THR B 76 21.16 -6.45 -6.48
C THR B 76 21.98 -7.72 -6.30
N ASP B 77 21.65 -8.73 -7.12
CA ASP B 77 22.37 -10.00 -7.04
C ASP B 77 23.85 -9.87 -7.37
N SER B 78 24.21 -8.95 -8.27
CA SER B 78 25.59 -8.83 -8.69
C SER B 78 26.44 -8.07 -7.70
N GLY B 79 25.84 -7.29 -6.81
CA GLY B 79 26.58 -6.46 -5.90
C GLY B 79 26.88 -5.06 -6.40
N GLN B 80 26.51 -4.72 -7.66
CA GLN B 80 26.67 -3.38 -8.19
C GLN B 80 25.31 -2.69 -8.29
N PRO B 81 25.23 -1.39 -8.01
CA PRO B 81 23.95 -0.72 -8.16
C PRO B 81 23.51 -0.68 -9.62
N ILE B 82 22.20 -0.61 -9.82
CA ILE B 82 21.59 -0.32 -11.10
C ILE B 82 21.12 1.13 -11.03
N ALA B 83 21.95 2.02 -11.53
CA ALA B 83 21.72 3.46 -11.43
C ALA B 83 21.20 3.96 -12.76
N ILE B 84 20.15 4.75 -12.70
CA ILE B 84 19.54 5.39 -13.86
C ILE B 84 19.94 6.86 -13.82
N ARG B 85 20.67 7.31 -14.83
CA ARG B 85 21.41 8.54 -14.76
C ARG B 85 20.79 9.60 -15.66
N GLY B 86 20.22 10.60 -15.03
CA GLY B 86 19.72 11.74 -15.76
C GLY B 86 18.22 11.76 -15.72
N ARG B 87 17.66 12.96 -15.60
N ARG B 87 17.66 12.96 -15.64
CA ARG B 87 16.22 13.09 -15.53
CA ARG B 87 16.22 13.11 -15.52
C ARG B 87 15.55 12.45 -16.71
C ARG B 87 15.52 12.50 -16.72
N GLU B 88 16.11 12.62 -17.92
CA GLU B 88 15.49 12.06 -19.12
C GLU B 88 15.48 10.54 -19.08
N LYS B 89 16.60 9.92 -18.71
CA LYS B 89 16.64 8.46 -18.60
C LYS B 89 15.72 7.95 -17.49
N LEU B 90 15.59 8.72 -16.40
CA LEU B 90 14.63 8.35 -15.37
C LEU B 90 13.21 8.31 -15.90
N GLY B 91 12.82 9.31 -16.71
CA GLY B 91 11.49 9.30 -17.29
C GLY B 91 11.31 8.12 -18.25
N GLU B 92 12.36 7.79 -18.99
CA GLU B 92 12.24 6.66 -19.92
C GLU B 92 12.11 5.36 -19.15
N HIS B 93 12.81 5.24 -18.02
CA HIS B 93 12.75 4.02 -17.20
CA HIS B 93 12.73 4.00 -17.27
C HIS B 93 11.37 3.83 -16.60
N ALA B 94 10.69 4.94 -16.24
CA ALA B 94 9.36 4.82 -15.66
C ALA B 94 8.38 4.14 -16.62
N VAL B 95 8.55 4.34 -17.92
CA VAL B 95 7.73 3.64 -18.89
C VAL B 95 7.84 2.13 -18.70
N TRP B 96 9.06 1.64 -18.51
CA TRP B 96 9.26 0.22 -18.28
C TRP B 96 8.71 -0.21 -16.94
N SER B 97 9.01 0.54 -15.87
CA SER B 97 8.60 0.11 -14.55
C SER B 97 7.10 0.11 -14.39
N LEU B 98 6.38 1.00 -15.07
N LEU B 98 6.40 1.02 -15.07
CA LEU B 98 4.93 0.96 -15.00
CA LEU B 98 4.94 0.99 -15.03
C LEU B 98 4.35 -0.28 -15.65
C LEU B 98 4.39 -0.30 -15.63
N GLN B 99 5.09 -0.94 -16.54
N GLN B 99 5.06 -0.87 -16.62
CA GLN B 99 4.63 -2.21 -17.11
CA GLN B 99 4.61 -2.14 -17.19
C GLN B 99 5.06 -3.41 -16.27
C GLN B 99 4.91 -3.33 -16.27
N CYS B 100 6.28 -3.36 -15.71
N CYS B 100 6.11 -3.36 -15.71
CA CYS B 100 6.77 -4.47 -14.90
CA CYS B 100 6.58 -4.52 -14.98
C CYS B 100 6.15 -4.51 -13.51
C CYS B 100 6.24 -4.50 -13.49
N PHE B 101 5.85 -3.35 -12.95
CA PHE B 101 5.33 -3.21 -11.59
C PHE B 101 4.06 -2.35 -11.71
N PRO B 102 3.00 -2.92 -12.30
CA PRO B 102 1.86 -2.08 -12.75
C PRO B 102 1.05 -1.46 -11.63
N ASP B 103 1.05 -2.04 -10.43
CA ASP B 103 0.20 -1.54 -9.35
C ASP B 103 1.03 -1.20 -8.11
N TRP B 104 2.32 -0.95 -8.28
CA TRP B 104 3.23 -0.80 -7.15
C TRP B 104 2.81 0.30 -6.21
N VAL B 105 2.89 0.01 -4.90
CA VAL B 105 2.70 1.02 -3.87
C VAL B 105 3.79 0.91 -2.82
N TRP B 106 4.17 2.06 -2.27
CA TRP B 106 4.96 2.14 -1.06
C TRP B 106 4.01 2.31 0.12
N THR B 107 4.27 1.58 1.20
CA THR B 107 3.40 1.56 2.37
C THR B 107 4.26 1.75 3.63
N ASP B 108 3.60 2.00 4.77
CA ASP B 108 4.30 2.09 6.06
C ASP B 108 5.43 3.12 5.99
N ILE B 109 5.14 4.25 5.36
CA ILE B 109 6.18 5.21 5.00
C ILE B 109 6.55 6.01 6.24
N GLN B 110 7.84 6.00 6.58
CA GLN B 110 8.40 6.80 7.66
C GLN B 110 9.54 7.64 7.10
N ILE B 111 9.36 8.96 7.11
CA ILE B 111 10.35 9.86 6.54
C ILE B 111 11.20 10.44 7.66
N PHE B 112 12.51 10.38 7.48
CA PHE B 112 13.48 10.88 8.44
C PHE B 112 14.23 12.05 7.84
N GLU B 113 14.00 13.26 8.38
N GLU B 113 14.00 13.24 8.41
CA GLU B 113 14.90 14.35 8.10
CA GLU B 113 14.89 14.36 8.22
C GLU B 113 16.18 14.16 8.92
C GLU B 113 16.24 14.04 8.84
N THR B 114 17.25 14.82 8.51
CA THR B 114 18.56 14.66 9.12
C THR B 114 19.15 16.04 9.42
N GLN B 115 20.33 16.05 10.02
CA GLN B 115 21.03 17.29 10.26
C GLN B 115 21.45 17.98 8.97
N ASP B 116 21.51 17.23 7.86
CA ASP B 116 21.75 17.82 6.54
C ASP B 116 20.38 18.14 5.96
N PRO B 117 20.03 19.41 5.74
CA PRO B 117 18.69 19.72 5.22
C PRO B 117 18.44 19.15 3.84
N ASN B 118 19.50 18.75 3.12
CA ASN B 118 19.42 18.17 1.79
C ASN B 118 19.56 16.66 1.78
N TRP B 119 19.46 15.98 2.92
CA TRP B 119 19.56 14.53 2.95
C TRP B 119 18.46 13.95 3.84
N PHE B 120 17.67 13.05 3.27
CA PHE B 120 16.58 12.37 3.95
C PHE B 120 16.73 10.87 3.77
N TRP B 121 16.21 10.14 4.74
CA TRP B 121 16.07 8.70 4.64
C TRP B 121 14.62 8.34 4.83
N VAL B 122 14.18 7.26 4.19
CA VAL B 122 12.82 6.77 4.30
C VAL B 122 12.87 5.27 4.59
N GLU B 123 12.16 4.83 5.62
CA GLU B 123 11.90 3.41 5.84
C GLU B 123 10.47 3.12 5.41
N CYS B 124 10.27 2.05 4.65
CA CYS B 124 8.93 1.73 4.19
C CYS B 124 8.89 0.27 3.77
N ARG B 125 7.70 -0.16 3.40
CA ARG B 125 7.53 -1.41 2.67
C ARG B 125 7.01 -1.07 1.28
N GLY B 126 7.04 -2.04 0.39
CA GLY B 126 6.47 -1.87 -0.93
C GLY B 126 5.90 -3.17 -1.41
N GLU B 127 4.89 -3.08 -2.27
CA GLU B 127 4.29 -4.30 -2.76
C GLU B 127 3.55 -4.07 -4.07
N GLY B 128 3.45 -5.14 -4.84
CA GLY B 128 2.67 -5.14 -6.06
C GLY B 128 2.96 -6.35 -6.90
N ALA B 129 2.21 -6.47 -7.99
CA ALA B 129 2.50 -7.50 -8.97
C ALA B 129 3.90 -7.26 -9.56
N ILE B 130 4.59 -8.34 -9.88
CA ILE B 130 5.85 -8.28 -10.60
C ILE B 130 5.69 -9.05 -11.90
N VAL B 131 5.93 -8.35 -13.01
CA VAL B 131 5.75 -8.89 -14.37
C VAL B 131 7.09 -8.75 -15.09
N PHE B 132 8.05 -9.51 -14.67
CA PHE B 132 9.42 -9.34 -15.06
C PHE B 132 9.67 -10.16 -16.32
N PRO B 133 10.37 -9.60 -17.30
CA PRO B 133 10.58 -10.33 -18.56
C PRO B 133 11.19 -11.70 -18.35
N GLY B 134 10.51 -12.72 -18.85
CA GLY B 134 11.01 -14.09 -18.83
C GLY B 134 10.71 -14.88 -17.57
N TYR B 135 9.94 -14.33 -16.65
CA TYR B 135 9.61 -15.02 -15.40
C TYR B 135 8.10 -15.07 -15.25
N PRO B 136 7.57 -16.02 -14.48
CA PRO B 136 6.13 -16.06 -14.27
C PRO B 136 5.67 -14.80 -13.55
N ARG B 137 4.49 -14.32 -13.91
CA ARG B 137 3.88 -13.22 -13.16
C ARG B 137 3.76 -13.62 -11.70
N GLY B 138 4.12 -12.69 -10.82
CA GLY B 138 4.07 -12.97 -9.41
C GLY B 138 3.62 -11.78 -8.60
N GLN B 139 3.77 -11.93 -7.28
CA GLN B 139 3.53 -10.88 -6.30
C GLN B 139 4.82 -10.66 -5.55
N TYR B 140 5.23 -9.41 -5.42
CA TYR B 140 6.46 -9.02 -4.73
C TYR B 140 6.13 -8.10 -3.58
N ARG B 141 6.64 -8.44 -2.41
CA ARG B 141 6.54 -7.61 -1.21
C ARG B 141 7.91 -7.53 -0.59
N ASN B 142 8.34 -6.35 -0.15
CA ASN B 142 9.64 -6.25 0.50
C ASN B 142 9.67 -5.03 1.43
N HIS B 143 10.67 -5.03 2.27
CA HIS B 143 11.07 -3.90 3.09
C HIS B 143 12.12 -3.08 2.35
N PHE B 144 12.02 -1.75 2.43
CA PHE B 144 12.96 -0.88 1.74
C PHE B 144 13.46 0.25 2.61
N LEU B 145 14.67 0.68 2.32
CA LEU B 145 15.22 1.95 2.79
C LEU B 145 15.55 2.79 1.56
N HIS B 146 15.17 4.06 1.59
N HIS B 146 15.17 4.06 1.59
CA HIS B 146 15.52 4.99 0.53
CA HIS B 146 15.52 4.99 0.53
C HIS B 146 16.38 6.11 1.09
C HIS B 146 16.38 6.11 1.09
N SER B 147 17.36 6.53 0.31
CA SER B 147 18.14 7.73 0.57
C SER B 147 17.81 8.77 -0.49
N PHE B 148 17.55 10.01 -0.06
CA PHE B 148 17.26 11.13 -0.96
C PHE B 148 18.23 12.27 -0.67
N ARG B 149 19.02 12.66 -1.65
CA ARG B 149 19.89 13.83 -1.54
C ARG B 149 19.42 14.87 -2.53
N PHE B 150 19.37 16.11 -2.08
CA PHE B 150 18.78 17.23 -2.81
C PHE B 150 19.83 18.25 -3.24
N GLU B 151 19.51 18.92 -4.34
CA GLU B 151 20.25 20.09 -4.80
C GLU B 151 19.24 21.09 -5.38
N ASN B 152 19.25 22.31 -4.85
CA ASN B 152 18.40 23.39 -5.35
C ASN B 152 16.94 22.96 -5.52
N GLY B 153 16.40 22.30 -4.51
CA GLY B 153 14.98 22.05 -4.43
C GLY B 153 14.49 20.78 -5.08
N LEU B 154 15.38 20.00 -5.73
CA LEU B 154 15.00 18.78 -6.41
C LEU B 154 15.96 17.65 -6.03
N ILE B 155 15.57 16.42 -6.37
CA ILE B 155 16.35 15.24 -6.01
C ILE B 155 17.56 15.14 -6.93
N LYS B 156 18.76 15.14 -6.35
CA LYS B 156 20.00 14.88 -7.07
C LYS B 156 20.34 13.39 -7.06
N GLU B 157 20.04 12.68 -5.98
CA GLU B 157 20.33 11.25 -5.90
C GLU B 157 19.30 10.53 -5.03
N GLN B 158 18.62 9.56 -5.61
CA GLN B 158 17.75 8.65 -4.91
C GLN B 158 18.39 7.26 -4.99
N ARG B 159 18.44 6.55 -3.87
CA ARG B 159 18.96 5.19 -3.83
C ARG B 159 18.02 4.36 -3.00
N GLU B 160 17.77 3.14 -3.47
N GLU B 160 17.67 3.17 -3.48
CA GLU B 160 16.88 2.17 -2.85
CA GLU B 160 16.87 2.27 -2.65
C GLU B 160 17.70 0.98 -2.37
C GLU B 160 17.63 0.99 -2.35
N PHE B 161 17.42 0.51 -1.13
CA PHE B 161 18.12 -0.64 -0.56
C PHE B 161 17.09 -1.63 -0.06
N MET B 162 17.27 -2.90 -0.41
CA MET B 162 16.35 -3.96 -0.01
C MET B 162 17.16 -5.25 0.09
N ASN B 163 16.48 -6.31 0.55
CA ASN B 163 17.04 -7.65 0.55
C ASN B 163 16.66 -8.33 -0.75
N PRO B 164 17.59 -8.57 -1.67
CA PRO B 164 17.22 -9.18 -2.96
C PRO B 164 16.63 -10.55 -2.82
N CYS B 165 16.88 -11.25 -1.72
CA CYS B 165 16.32 -12.59 -1.56
C CYS B 165 14.81 -12.62 -1.68
N GLU B 166 14.11 -11.54 -1.26
CA GLU B 166 12.66 -11.52 -1.39
C GLU B 166 12.23 -11.31 -2.84
N GLN B 167 13.03 -10.56 -3.61
CA GLN B 167 12.74 -10.45 -5.03
C GLN B 167 12.99 -11.78 -5.75
N PHE B 168 14.06 -12.50 -5.38
CA PHE B 168 14.25 -13.85 -5.92
C PHE B 168 13.01 -14.69 -5.69
N ARG B 169 12.49 -14.71 -4.46
N ARG B 169 12.49 -14.71 -4.46
CA ARG B 169 11.31 -15.50 -4.15
CA ARG B 169 11.30 -15.51 -4.15
C ARG B 169 10.13 -15.11 -5.03
C ARG B 169 10.13 -15.11 -5.03
N SER B 170 9.94 -13.79 -5.24
CA SER B 170 8.80 -13.35 -6.05
C SER B 170 8.88 -13.84 -7.49
N LEU B 171 10.09 -14.11 -7.99
CA LEU B 171 10.35 -14.56 -9.34
C LEU B 171 10.49 -16.08 -9.44
N GLY B 172 10.35 -16.79 -8.33
CA GLY B 172 10.48 -18.24 -8.32
C GLY B 172 11.90 -18.73 -8.37
N ILE B 173 12.86 -17.86 -8.09
CA ILE B 173 14.28 -18.20 -8.10
C ILE B 173 14.62 -18.77 -6.72
N GLU B 174 15.28 -19.93 -6.69
CA GLU B 174 15.71 -20.53 -5.43
C GLU B 174 16.70 -19.65 -4.69
N VAL B 175 16.49 -19.48 -3.39
CA VAL B 175 17.35 -18.66 -2.55
C VAL B 175 18.32 -19.60 -1.83
N PRO B 176 19.62 -19.34 -1.87
CA PRO B 176 20.57 -20.16 -1.09
C PRO B 176 20.29 -20.05 0.40
N GLU B 177 20.60 -21.12 1.13
CA GLU B 177 20.36 -21.17 2.56
C GLU B 177 21.70 -21.32 3.25
N VAL B 178 22.06 -20.34 4.08
CA VAL B 178 23.25 -20.46 4.91
C VAL B 178 23.00 -21.56 5.94
N ARG B 179 23.90 -22.53 6.04
CA ARG B 179 23.74 -23.61 7.01
C ARG B 179 23.91 -23.06 8.43
N ARG B 180 22.95 -23.32 9.30
CA ARG B 180 22.97 -22.76 10.64
C ARG B 180 23.29 -23.76 11.73
N ASP B 181 23.63 -25.00 11.38
CA ASP B 181 23.80 -26.02 12.40
C ASP B 181 24.88 -25.63 13.40
N GLY B 182 25.93 -24.98 12.94
CA GLY B 182 27.04 -24.67 13.82
C GLY B 182 26.90 -23.39 14.60
N LEU B 183 25.79 -22.72 14.46
CA LEU B 183 25.57 -21.40 15.03
C LEU B 183 24.83 -21.50 16.36
N PRO B 184 25.06 -20.55 17.26
CA PRO B 184 24.24 -20.49 18.47
C PRO B 184 22.76 -20.35 18.12
N SER B 185 21.93 -21.09 18.84
CA SER B 185 20.48 -21.02 18.66
C SER B 185 19.84 -20.47 19.92
#